data_6HQ3
#
_entry.id   6HQ3
#
_cell.length_a   94.580
_cell.length_b   120.750
_cell.length_c   56.300
_cell.angle_alpha   90.000
_cell.angle_beta   116.800
_cell.angle_gamma   90.000
#
_symmetry.space_group_name_H-M   'C 1 2 1'
#
loop_
_entity.id
_entity.type
_entity.pdbx_description
1 polymer 'EAL Enzyme Bd1971'
2 non-polymer "ADENOSINE-3',5'-CYCLIC-MONOPHOSPHATE"
#
_entity_poly.entity_id   1
_entity_poly.type   'polypeptide(L)'
_entity_poly.pdbx_seq_one_letter_code
;AAQSVDIHKDQIIFSEGDAGDCAYIIEKGRVLIYLTKDKEEIPLTILGEGEIFGEMALIDNQNRSASVRALEDVRLAIVT
KQQVLERVSTADKVVQLLMRVLLKRLRRKNI
;
_entity_poly.pdbx_strand_id   A,B,C,D
#
# COMPACT_ATOMS: atom_id res chain seq x y z
N ALA A 1 -4.22 -26.11 14.75
CA ALA A 1 -5.29 -25.38 15.51
C ALA A 1 -5.31 -23.87 15.21
N ALA A 2 -5.56 -23.50 13.94
CA ALA A 2 -5.90 -22.11 13.59
C ALA A 2 -7.39 -21.88 13.85
N GLN A 3 -7.70 -21.18 14.95
CA GLN A 3 -9.06 -20.92 15.38
C GLN A 3 -9.59 -19.60 14.85
N SER A 4 -10.91 -19.58 14.60
CA SER A 4 -11.65 -18.37 14.24
C SER A 4 -12.50 -17.93 15.42
N VAL A 5 -13.01 -16.72 15.35
CA VAL A 5 -14.00 -16.24 16.31
C VAL A 5 -14.98 -15.31 15.58
N ASP A 6 -16.26 -15.46 15.90
CA ASP A 6 -17.31 -14.59 15.38
C ASP A 6 -17.54 -13.47 16.39
N ILE A 7 -17.82 -12.27 15.91
CA ILE A 7 -17.98 -11.10 16.75
C ILE A 7 -19.22 -10.35 16.29
N HIS A 8 -20.11 -10.07 17.23
CA HIS A 8 -21.38 -9.41 16.93
C HIS A 8 -21.13 -7.98 16.47
N LYS A 9 -22.08 -7.46 15.71
CA LYS A 9 -22.07 -6.05 15.37
C LYS A 9 -21.96 -5.19 16.64
N ASP A 10 -21.22 -4.10 16.55
CA ASP A 10 -20.97 -3.15 17.65
C ASP A 10 -20.16 -3.66 18.85
N GLN A 11 -19.59 -4.85 18.75
CA GLN A 11 -18.73 -5.38 19.82
C GLN A 11 -17.35 -4.75 19.76
N ILE A 12 -16.87 -4.31 20.91
CA ILE A 12 -15.48 -3.88 21.04
C ILE A 12 -14.61 -5.15 21.06
N ILE A 13 -13.72 -5.25 20.08
CA ILE A 13 -12.82 -6.39 19.92
C ILE A 13 -11.73 -6.26 20.95
N PHE A 14 -11.13 -5.07 21.01
CA PHE A 14 -10.27 -4.68 22.12
C PHE A 14 -10.21 -3.16 22.22
N SER A 15 -9.63 -2.67 23.31
CA SER A 15 -9.57 -1.24 23.61
C SER A 15 -8.15 -0.74 23.72
N GLU A 16 -7.99 0.55 23.40
CA GLU A 16 -6.74 1.29 23.61
C GLU A 16 -6.30 1.10 25.06
N GLY A 17 -5.06 0.64 25.24
CA GLY A 17 -4.51 0.37 26.57
C GLY A 17 -4.53 -1.09 27.02
N ASP A 18 -5.33 -1.93 26.35
CA ASP A 18 -5.45 -3.34 26.70
C ASP A 18 -4.14 -4.12 26.49
N ALA A 19 -4.01 -5.24 27.20
CA ALA A 19 -2.88 -6.15 27.02
C ALA A 19 -2.98 -6.80 25.66
N GLY A 20 -1.85 -6.94 24.98
CA GLY A 20 -1.83 -7.39 23.58
C GLY A 20 -1.06 -8.69 23.40
N ASP A 21 -1.80 -9.75 23.04
CA ASP A 21 -1.21 -11.10 22.86
C ASP A 21 -1.21 -11.67 21.42
N CYS A 22 -2.07 -11.13 20.54
CA CYS A 22 -2.27 -11.69 19.20
C CYS A 22 -2.79 -10.66 18.22
N ALA A 23 -2.71 -11.00 16.94
CA ALA A 23 -3.28 -10.19 15.88
C ALA A 23 -4.52 -10.90 15.34
N TYR A 24 -5.24 -10.24 14.43
CA TYR A 24 -6.46 -10.81 13.84
C TYR A 24 -6.53 -10.52 12.35
N ILE A 25 -6.89 -11.52 11.55
CA ILE A 25 -7.19 -11.34 10.14
C ILE A 25 -8.71 -11.39 9.97
N ILE A 26 -9.26 -10.35 9.33
CA ILE A 26 -10.70 -10.26 9.13
C ILE A 26 -11.09 -11.22 8.02
N GLU A 27 -11.90 -12.22 8.37
CA GLU A 27 -12.41 -13.20 7.41
C GLU A 27 -13.76 -12.77 6.81
N LYS A 28 -14.57 -12.08 7.61
CA LYS A 28 -15.81 -11.52 7.10
C LYS A 28 -16.13 -10.29 7.88
N GLY A 29 -16.79 -9.32 7.24
CA GLY A 29 -17.23 -8.10 7.93
C GLY A 29 -16.23 -6.98 7.86
N ARG A 30 -16.57 -5.87 8.54
CA ARG A 30 -15.70 -4.70 8.65
C ARG A 30 -15.53 -4.29 10.10
N VAL A 31 -14.46 -3.56 10.35
CA VAL A 31 -14.09 -3.13 11.69
C VAL A 31 -13.65 -1.67 11.70
N LEU A 32 -13.96 -0.94 12.78
CA LEU A 32 -13.52 0.43 12.96
C LEU A 32 -12.36 0.50 13.93
N ILE A 33 -11.21 1.02 13.49
CA ILE A 33 -10.09 1.34 14.38
C ILE A 33 -10.32 2.80 14.82
N TYR A 34 -10.30 3.06 16.12
CA TYR A 34 -10.54 4.42 16.63
C TYR A 34 -9.86 4.70 17.96
N LEU A 35 -9.75 5.99 18.29
CA LEU A 35 -9.38 6.45 19.63
C LEU A 35 -10.56 7.14 20.27
N THR A 36 -10.54 7.19 21.60
CA THR A 36 -11.52 7.96 22.35
C THR A 36 -10.77 9.04 23.11
N LYS A 37 -11.21 10.29 22.93
CA LYS A 37 -10.56 11.47 23.50
C LYS A 37 -11.65 12.34 24.13
N ASP A 38 -11.65 12.38 25.47
CA ASP A 38 -12.66 13.15 26.25
C ASP A 38 -14.10 12.84 25.85
N LYS A 39 -14.50 11.57 25.97
CA LYS A 39 -15.84 11.08 25.59
C LYS A 39 -16.20 11.24 24.09
N GLU A 40 -15.26 11.69 23.26
CA GLU A 40 -15.46 11.88 21.82
C GLU A 40 -14.61 10.83 21.12
N GLU A 41 -15.26 10.09 20.22
CA GLU A 41 -14.64 8.97 19.56
C GLU A 41 -14.13 9.45 18.20
N ILE A 42 -12.84 9.25 17.96
CA ILE A 42 -12.18 9.80 16.78
C ILE A 42 -11.76 8.63 15.88
N PRO A 43 -12.38 8.52 14.69
CA PRO A 43 -12.09 7.39 13.82
C PRO A 43 -10.69 7.48 13.23
N LEU A 44 -10.09 6.33 12.94
CA LEU A 44 -8.79 6.29 12.29
C LEU A 44 -8.87 5.61 10.94
N THR A 45 -9.39 4.38 10.92
CA THR A 45 -9.57 3.67 9.66
C THR A 45 -10.66 2.63 9.80
N ILE A 46 -11.15 2.13 8.66
CA ILE A 46 -12.04 0.98 8.62
C ILE A 46 -11.33 -0.09 7.81
N LEU A 47 -11.24 -1.30 8.36
CA LEU A 47 -10.64 -2.45 7.66
C LEU A 47 -11.71 -3.46 7.31
N GLY A 48 -11.49 -4.19 6.21
CA GLY A 48 -12.41 -5.21 5.76
C GLY A 48 -11.76 -6.58 5.56
N GLU A 49 -12.40 -7.41 4.74
CA GLU A 49 -11.99 -8.79 4.53
C GLU A 49 -10.55 -8.91 4.05
N GLY A 50 -9.82 -9.84 4.65
CA GLY A 50 -8.45 -10.13 4.31
C GLY A 50 -7.42 -9.13 4.79
N GLU A 51 -7.81 -8.26 5.71
CA GLU A 51 -6.88 -7.31 6.32
C GLU A 51 -6.59 -7.73 7.74
N ILE A 52 -5.44 -7.28 8.23
CA ILE A 52 -4.91 -7.67 9.53
C ILE A 52 -4.75 -6.46 10.45
N PHE A 53 -5.06 -6.67 11.73
CA PHE A 53 -4.83 -5.66 12.74
C PHE A 53 -4.31 -6.28 14.03
N GLY A 54 -3.82 -5.41 14.90
CA GLY A 54 -3.30 -5.80 16.20
C GLY A 54 -1.93 -6.45 16.15
N GLU A 55 -1.18 -6.12 15.12
CA GLU A 55 0.04 -6.85 14.80
C GLU A 55 1.23 -6.36 15.58
N MET A 56 1.24 -5.10 16.01
CA MET A 56 2.28 -4.65 16.97
C MET A 56 2.28 -5.41 18.29
N ALA A 57 1.11 -5.77 18.77
CA ALA A 57 0.98 -6.67 19.91
C ALA A 57 1.65 -8.00 19.68
N LEU A 58 1.65 -8.46 18.44
CA LEU A 58 2.22 -9.75 18.07
C LEU A 58 3.74 -9.71 18.06
N ILE A 59 4.32 -8.78 17.30
CA ILE A 59 5.78 -8.69 17.18
C ILE A 59 6.45 -8.13 18.46
N ASP A 60 5.86 -7.11 19.07
CA ASP A 60 6.49 -6.37 20.16
C ASP A 60 5.92 -6.68 21.54
N ASN A 61 4.78 -7.36 21.60
CA ASN A 61 4.22 -7.83 22.87
C ASN A 61 3.87 -6.72 23.86
N GLN A 62 3.14 -5.70 23.42
CA GLN A 62 2.81 -4.56 24.30
C GLN A 62 1.39 -4.02 24.07
N ASN A 63 1.04 -2.91 24.72
CA ASN A 63 -0.39 -2.57 24.82
C ASN A 63 -1.00 -1.99 23.53
N ARG A 64 -2.32 -2.07 23.48
CA ARG A 64 -3.07 -1.71 22.29
C ARG A 64 -3.02 -0.20 22.14
N SER A 65 -2.59 0.25 20.98
CA SER A 65 -2.48 1.67 20.66
C SER A 65 -3.83 2.34 20.31
N ALA A 66 -4.81 1.52 19.92
CA ALA A 66 -6.14 2.02 19.53
C ALA A 66 -7.20 1.04 19.93
N SER A 67 -8.44 1.49 19.89
CA SER A 67 -9.59 0.63 20.12
C SER A 67 -10.10 0.12 18.78
N VAL A 68 -10.77 -1.02 18.81
CA VAL A 68 -11.34 -1.63 17.62
C VAL A 68 -12.75 -2.16 17.90
N ARG A 69 -13.70 -1.79 17.06
CA ARG A 69 -15.09 -2.22 17.19
C ARG A 69 -15.57 -2.83 15.88
N ALA A 70 -16.52 -3.74 15.95
CA ALA A 70 -17.11 -4.35 14.76
C ALA A 70 -18.25 -3.47 14.26
N LEU A 71 -18.19 -3.10 12.98
CA LEU A 71 -19.25 -2.29 12.35
C LEU A 71 -20.44 -3.13 11.91
N GLU A 72 -20.22 -4.42 11.69
CA GLU A 72 -21.28 -5.39 11.41
C GLU A 72 -20.83 -6.73 12.00
N ASP A 73 -21.60 -7.80 11.77
CA ASP A 73 -21.15 -9.12 12.17
C ASP A 73 -19.85 -9.42 11.44
N VAL A 74 -18.81 -9.77 12.20
CA VAL A 74 -17.49 -10.06 11.64
C VAL A 74 -17.03 -11.44 12.09
N ARG A 75 -16.22 -12.10 11.25
CA ARG A 75 -15.44 -13.24 11.68
C ARG A 75 -13.96 -12.87 11.60
N LEU A 76 -13.20 -13.32 12.59
CA LEU A 76 -11.78 -13.03 12.73
C LEU A 76 -11.00 -14.32 12.84
N ALA A 77 -9.93 -14.44 12.05
CA ALA A 77 -8.93 -15.49 12.28
C ALA A 77 -7.93 -14.95 13.29
N ILE A 78 -7.74 -15.67 14.40
CA ILE A 78 -6.74 -15.28 15.42
C ILE A 78 -5.34 -15.71 14.98
N VAL A 79 -4.38 -14.81 15.06
CA VAL A 79 -2.98 -15.09 14.73
C VAL A 79 -2.12 -14.89 15.98
N THR A 80 -1.59 -16.01 16.48
CA THR A 80 -0.79 -16.12 17.69
C THR A 80 0.70 -16.29 17.36
N LYS A 81 1.56 -15.84 18.28
CA LYS A 81 3.02 -15.99 18.17
C LYS A 81 3.47 -17.39 17.76
N GLN A 82 2.84 -18.40 18.34
CA GLN A 82 3.20 -19.80 18.06
C GLN A 82 2.97 -20.14 16.59
N GLN A 83 1.84 -19.66 16.04
CA GLN A 83 1.53 -19.81 14.60
C GLN A 83 2.58 -19.13 13.71
N VAL A 84 2.98 -17.91 14.07
CA VAL A 84 3.92 -17.13 13.28
C VAL A 84 5.29 -17.79 13.23
N LEU A 85 5.82 -18.18 14.37
CA LEU A 85 7.09 -18.91 14.45
C LEU A 85 7.01 -20.22 13.67
N GLU A 86 5.93 -20.96 13.87
CA GLU A 86 5.72 -22.22 13.15
C GLU A 86 5.73 -22.01 11.63
N ARG A 87 4.99 -21.01 11.17
CA ARG A 87 4.91 -20.73 9.73
C ARG A 87 6.18 -20.12 9.13
N VAL A 88 6.85 -19.24 9.88
CA VAL A 88 8.12 -18.68 9.42
C VAL A 88 9.21 -19.75 9.42
N SER A 89 9.30 -20.57 10.47
CA SER A 89 10.30 -21.65 10.54
C SER A 89 10.15 -22.68 9.43
N THR A 90 8.90 -22.91 8.99
CA THR A 90 8.62 -23.89 7.95
C THR A 90 8.70 -23.28 6.52
N ALA A 91 8.87 -21.96 6.45
CA ALA A 91 8.90 -21.23 5.19
C ALA A 91 10.20 -21.44 4.44
N ASP A 92 10.20 -20.95 3.22
CA ASP A 92 11.39 -20.89 2.36
C ASP A 92 12.45 -19.99 2.97
N LYS A 93 13.72 -20.36 2.80
CA LYS A 93 14.86 -19.63 3.37
C LYS A 93 14.83 -18.13 3.13
N VAL A 94 14.54 -17.73 1.88
CA VAL A 94 14.54 -16.32 1.53
C VAL A 94 13.40 -15.59 2.24
N VAL A 95 12.24 -16.24 2.36
CA VAL A 95 11.11 -15.64 3.05
C VAL A 95 11.45 -15.46 4.52
N GLN A 96 12.03 -16.48 5.15
CA GLN A 96 12.46 -16.38 6.54
C GLN A 96 13.42 -15.20 6.75
N LEU A 97 14.42 -15.10 5.85
CA LEU A 97 15.36 -14.00 5.92
C LEU A 97 14.71 -12.63 5.79
N LEU A 98 13.73 -12.50 4.90
CA LEU A 98 13.00 -11.24 4.76
C LEU A 98 12.23 -10.90 6.01
N MET A 99 11.51 -11.87 6.57
CA MET A 99 10.79 -11.64 7.80
C MET A 99 11.69 -11.15 8.95
N ARG A 100 12.89 -11.70 9.05
CA ARG A 100 13.78 -11.29 10.11
C ARG A 100 14.18 -9.83 9.99
N VAL A 101 14.62 -9.41 8.79
CA VAL A 101 15.13 -8.06 8.62
C VAL A 101 14.04 -7.02 8.63
N LEU A 102 12.84 -7.40 8.19
CA LEU A 102 11.67 -6.55 8.34
C LEU A 102 11.40 -6.26 9.82
N LEU A 103 11.31 -7.33 10.63
CA LEU A 103 11.05 -7.18 12.06
C LEU A 103 12.14 -6.38 12.76
N LYS A 104 13.40 -6.71 12.45
CA LYS A 104 14.54 -5.95 12.98
C LYS A 104 14.45 -4.47 12.61
N ARG A 105 14.02 -4.18 11.38
CA ARG A 105 13.87 -2.79 10.93
C ARG A 105 12.74 -2.07 11.66
N LEU A 106 11.62 -2.77 11.86
CA LEU A 106 10.48 -2.17 12.54
C LEU A 106 10.74 -1.86 14.00
N ARG A 107 11.61 -2.64 14.65
CA ARG A 107 12.03 -2.35 16.01
C ARG A 107 12.91 -1.10 16.10
N ARG A 108 13.84 -0.97 15.16
CA ARG A 108 14.66 0.24 15.06
C ARG A 108 13.83 1.49 14.71
N LYS A 109 12.78 1.32 13.91
CA LYS A 109 11.89 2.43 13.54
C LYS A 109 11.15 2.95 14.76
N ASN A 110 10.49 2.04 15.46
CA ASN A 110 9.62 2.42 16.57
C ASN A 110 10.34 2.89 17.86
N ILE A 111 11.67 2.83 17.89
CA ILE A 111 12.50 3.56 18.88
C ILE A 111 12.21 5.08 18.89
N ALA B 2 -25.78 17.28 9.19
CA ALA B 2 -25.16 17.61 7.88
C ALA B 2 -25.09 19.14 7.76
N GLN B 3 -23.89 19.70 7.95
CA GLN B 3 -23.66 21.13 7.91
C GLN B 3 -23.21 21.52 6.48
N SER B 4 -23.53 22.76 6.11
CA SER B 4 -22.74 23.53 5.12
C SER B 4 -21.90 24.55 5.87
N VAL B 5 -20.96 25.14 5.16
CA VAL B 5 -20.20 26.28 5.67
C VAL B 5 -19.87 27.23 4.51
N ASP B 6 -20.01 28.52 4.76
CA ASP B 6 -19.64 29.55 3.79
C ASP B 6 -18.23 29.99 4.08
N ILE B 7 -17.48 30.30 3.02
CA ILE B 7 -16.09 30.71 3.15
C ILE B 7 -15.86 31.93 2.26
N HIS B 8 -15.31 32.98 2.87
CA HIS B 8 -15.10 34.25 2.18
C HIS B 8 -14.06 34.08 1.09
N LYS B 9 -14.11 34.94 0.09
CA LYS B 9 -13.06 35.01 -0.90
C LYS B 9 -11.69 35.17 -0.21
N ASP B 10 -10.67 34.51 -0.76
CA ASP B 10 -9.29 34.52 -0.25
C ASP B 10 -9.04 33.87 1.12
N GLN B 11 -10.05 33.22 1.68
CA GLN B 11 -9.89 32.52 2.95
C GLN B 11 -9.19 31.18 2.72
N ILE B 12 -8.19 30.91 3.55
CA ILE B 12 -7.57 29.60 3.59
C ILE B 12 -8.53 28.66 4.33
N ILE B 13 -8.97 27.63 3.62
CA ILE B 13 -9.92 26.65 4.13
C ILE B 13 -9.15 25.73 5.08
N PHE B 14 -8.00 25.26 4.61
CA PHE B 14 -7.01 24.63 5.45
C PHE B 14 -5.64 24.71 4.82
N SER B 15 -4.61 24.36 5.59
CA SER B 15 -3.23 24.47 5.16
C SER B 15 -2.52 23.13 5.17
N GLU B 16 -1.54 23.02 4.27
CA GLU B 16 -0.60 21.90 4.22
C GLU B 16 -0.01 21.69 5.63
N GLY B 17 -0.14 20.47 6.15
CA GLY B 17 0.32 20.14 7.50
C GLY B 17 -0.71 20.18 8.61
N ASP B 18 -1.90 20.71 8.33
CA ASP B 18 -3.00 20.75 9.32
C ASP B 18 -3.53 19.35 9.62
N ALA B 19 -4.15 19.20 10.78
CA ALA B 19 -4.83 17.95 11.15
C ALA B 19 -6.05 17.80 10.27
N GLY B 20 -6.33 16.57 9.82
CA GLY B 20 -7.37 16.31 8.83
C GLY B 20 -8.51 15.45 9.30
N ASP B 21 -9.70 16.03 9.47
CA ASP B 21 -10.87 15.39 10.08
C ASP B 21 -12.09 15.14 9.16
N CYS B 22 -12.16 15.86 8.04
CA CYS B 22 -13.28 15.75 7.11
C CYS B 22 -12.88 16.17 5.69
N ALA B 23 -13.73 15.83 4.73
CA ALA B 23 -13.60 16.28 3.35
C ALA B 23 -14.69 17.34 3.11
N TYR B 24 -14.65 17.96 1.93
CA TYR B 24 -15.62 19.00 1.55
C TYR B 24 -16.06 18.86 0.11
N ILE B 25 -17.36 18.97 -0.12
CA ILE B 25 -17.91 19.07 -1.47
C ILE B 25 -18.28 20.54 -1.74
N ILE B 26 -17.76 21.08 -2.85
CA ILE B 26 -17.99 22.47 -3.19
C ILE B 26 -19.41 22.62 -3.71
N GLU B 27 -20.23 23.40 -3.00
CA GLU B 27 -21.61 23.67 -3.41
C GLU B 27 -21.71 24.95 -4.24
N LYS B 28 -20.86 25.92 -3.96
CA LYS B 28 -20.81 27.16 -4.74
C LYS B 28 -19.38 27.66 -4.73
N GLY B 29 -18.96 28.29 -5.81
CA GLY B 29 -17.65 28.92 -5.89
C GLY B 29 -16.56 28.00 -6.43
N ARG B 30 -15.34 28.52 -6.42
CA ARG B 30 -14.14 27.77 -6.84
C ARG B 30 -13.07 27.90 -5.77
N VAL B 31 -12.17 26.92 -5.76
CA VAL B 31 -11.12 26.80 -4.77
C VAL B 31 -9.78 26.50 -5.44
N LEU B 32 -8.71 27.02 -4.86
CA LEU B 32 -7.34 26.75 -5.33
C LEU B 32 -6.65 25.77 -4.40
N ILE B 33 -6.23 24.61 -4.92
CA ILE B 33 -5.34 23.68 -4.20
C ILE B 33 -3.91 24.11 -4.54
N TYR B 34 -3.08 24.31 -3.52
CA TYR B 34 -1.69 24.75 -3.74
C TYR B 34 -0.73 24.31 -2.65
N LEU B 35 0.57 24.37 -2.96
CA LEU B 35 1.64 24.25 -1.96
C LEU B 35 2.35 25.57 -1.85
N THR B 36 3.01 25.76 -0.71
CA THR B 36 3.86 26.93 -0.48
C THR B 36 5.28 26.41 -0.26
N LYS B 37 6.22 26.94 -1.03
CA LYS B 37 7.62 26.53 -1.00
C LYS B 37 8.47 27.79 -0.94
N ASP B 38 9.10 28.05 0.22
CA ASP B 38 9.98 29.22 0.43
C ASP B 38 9.32 30.55 0.04
N LYS B 39 8.19 30.86 0.68
CA LYS B 39 7.40 32.09 0.41
C LYS B 39 6.80 32.18 -1.02
N GLU B 40 6.97 31.13 -1.83
CA GLU B 40 6.44 31.08 -3.19
C GLU B 40 5.35 30.04 -3.22
N GLU B 41 4.20 30.44 -3.73
CA GLU B 41 3.01 29.62 -3.74
C GLU B 41 2.90 28.95 -5.10
N ILE B 42 2.81 27.63 -5.09
CA ILE B 42 2.84 26.84 -6.32
C ILE B 42 1.46 26.19 -6.50
N PRO B 43 0.72 26.61 -7.55
CA PRO B 43 -0.62 26.09 -7.74
C PRO B 43 -0.62 24.64 -8.19
N LEU B 44 -1.67 23.91 -7.84
CA LEU B 44 -1.81 22.52 -8.27
C LEU B 44 -3.04 22.34 -9.14
N THR B 45 -4.19 22.75 -8.64
CA THR B 45 -5.42 22.63 -9.39
C THR B 45 -6.45 23.63 -8.87
N ILE B 46 -7.49 23.86 -9.66
CA ILE B 46 -8.64 24.63 -9.24
C ILE B 46 -9.85 23.73 -9.36
N LEU B 47 -10.64 23.63 -8.29
CA LEU B 47 -11.86 22.83 -8.25
C LEU B 47 -13.06 23.73 -8.16
N GLY B 48 -14.20 23.28 -8.73
CA GLY B 48 -15.44 24.03 -8.71
C GLY B 48 -16.62 23.25 -8.18
N GLU B 49 -17.82 23.68 -8.57
CA GLU B 49 -19.07 23.12 -8.03
C GLU B 49 -19.18 21.62 -8.25
N GLY B 50 -19.59 20.93 -7.19
CA GLY B 50 -19.79 19.49 -7.20
C GLY B 50 -18.53 18.65 -7.15
N GLU B 51 -17.39 19.26 -6.82
CA GLU B 51 -16.16 18.53 -6.67
C GLU B 51 -15.77 18.42 -5.20
N ILE B 52 -14.97 17.39 -4.90
CA ILE B 52 -14.61 17.07 -3.52
C ILE B 52 -13.10 17.17 -3.28
N PHE B 53 -12.74 17.67 -2.11
CA PHE B 53 -11.35 17.71 -1.69
C PHE B 53 -11.22 17.36 -0.21
N GLY B 54 -9.98 17.13 0.20
CA GLY B 54 -9.66 16.84 1.59
C GLY B 54 -9.97 15.41 1.99
N GLU B 55 -9.96 14.52 1.01
CA GLU B 55 -10.12 13.11 1.25
C GLU B 55 -8.82 12.43 1.78
N MET B 56 -7.66 12.95 1.38
CA MET B 56 -6.42 12.19 1.55
C MET B 56 -6.02 12.00 2.98
N ALA B 57 -6.23 13.04 3.79
CA ALA B 57 -6.03 12.92 5.24
C ALA B 57 -6.89 11.84 5.85
N LEU B 58 -8.09 11.65 5.28
CA LEU B 58 -9.06 10.70 5.79
C LEU B 58 -8.68 9.26 5.46
N ILE B 59 -8.49 8.98 4.17
CA ILE B 59 -8.21 7.60 3.74
C ILE B 59 -6.79 7.16 4.05
N ASP B 60 -5.81 8.05 3.91
CA ASP B 60 -4.41 7.70 4.29
C ASP B 60 -4.07 8.00 5.75
N ASN B 61 -4.95 8.70 6.45
CA ASN B 61 -4.86 8.88 7.90
C ASN B 61 -3.57 9.60 8.36
N GLN B 62 -3.32 10.75 7.76
CA GLN B 62 -2.30 11.71 8.20
C GLN B 62 -2.76 13.13 7.84
N ASN B 63 -1.87 14.12 7.88
CA ASN B 63 -2.20 15.53 7.76
C ASN B 63 -2.54 15.95 6.33
N ARG B 64 -2.88 17.24 6.19
CA ARG B 64 -3.23 17.81 4.91
C ARG B 64 -1.99 17.90 4.05
N SER B 65 -2.07 17.32 2.86
CA SER B 65 -0.96 17.27 1.92
C SER B 65 -0.76 18.58 1.14
N ALA B 66 -1.80 19.41 1.08
CA ALA B 66 -1.77 20.68 0.37
C ALA B 66 -2.61 21.70 1.09
N SER B 67 -2.43 22.95 0.72
CA SER B 67 -3.24 24.05 1.22
C SER B 67 -4.38 24.28 0.23
N VAL B 68 -5.48 24.85 0.75
CA VAL B 68 -6.64 25.16 -0.06
C VAL B 68 -7.18 26.54 0.30
N ARG B 69 -7.39 27.37 -0.71
CA ARG B 69 -7.91 28.74 -0.52
C ARG B 69 -9.13 28.94 -1.41
N ALA B 70 -10.02 29.84 -1.00
CA ALA B 70 -11.17 30.18 -1.80
C ALA B 70 -10.78 31.27 -2.78
N LEU B 71 -11.06 31.05 -4.07
CA LEU B 71 -10.81 32.08 -5.10
C LEU B 71 -11.92 33.12 -5.18
N GLU B 72 -13.11 32.76 -4.71
CA GLU B 72 -14.24 33.68 -4.58
C GLU B 72 -15.06 33.22 -3.37
N ASP B 73 -16.20 33.85 -3.12
CA ASP B 73 -17.10 33.36 -2.08
C ASP B 73 -17.51 31.93 -2.43
N VAL B 74 -17.28 31.00 -1.52
CA VAL B 74 -17.61 29.59 -1.72
C VAL B 74 -18.52 29.08 -0.61
N ARG B 75 -19.37 28.09 -0.93
CA ARG B 75 -20.06 27.30 0.09
C ARG B 75 -19.59 25.86 -0.05
N LEU B 76 -19.42 25.20 1.08
CA LEU B 76 -18.88 23.85 1.17
C LEU B 76 -19.81 22.97 1.98
N ALA B 77 -20.14 21.79 1.44
CA ALA B 77 -20.81 20.76 2.22
C ALA B 77 -19.72 19.94 2.93
N ILE B 78 -19.81 19.85 4.28
CA ILE B 78 -18.86 19.06 5.05
C ILE B 78 -19.22 17.57 5.02
N VAL B 79 -18.23 16.72 4.74
CA VAL B 79 -18.41 15.27 4.76
C VAL B 79 -17.47 14.69 5.81
N THR B 80 -18.00 14.15 6.90
CA THR B 80 -17.11 13.72 7.99
C THR B 80 -16.29 12.48 7.60
N LYS B 81 -15.09 12.37 8.18
CA LYS B 81 -14.20 11.21 8.00
C LYS B 81 -14.91 9.86 8.14
N GLN B 82 -15.76 9.77 9.14
CA GLN B 82 -16.49 8.55 9.44
C GLN B 82 -17.38 8.15 8.27
N GLN B 83 -18.06 9.13 7.67
CA GLN B 83 -18.88 8.92 6.47
C GLN B 83 -18.07 8.38 5.29
N VAL B 84 -16.91 8.98 5.05
CA VAL B 84 -16.08 8.63 3.89
C VAL B 84 -15.58 7.16 3.98
N LEU B 85 -15.03 6.82 5.15
CA LEU B 85 -14.57 5.47 5.41
C LEU B 85 -15.73 4.48 5.30
N GLU B 86 -16.85 4.83 5.92
CA GLU B 86 -18.04 4.00 5.89
C GLU B 86 -18.52 3.75 4.47
N ARG B 87 -18.60 4.81 3.67
CA ARG B 87 -19.06 4.69 2.28
C ARG B 87 -18.07 3.99 1.35
N VAL B 88 -16.77 4.21 1.53
CA VAL B 88 -15.78 3.50 0.73
C VAL B 88 -15.77 2.00 1.12
N SER B 89 -15.76 1.71 2.42
CA SER B 89 -15.76 0.32 2.89
C SER B 89 -16.99 -0.48 2.47
N THR B 90 -18.12 0.19 2.33
CA THR B 90 -19.39 -0.46 1.96
C THR B 90 -19.62 -0.47 0.46
N ALA B 91 -18.71 0.13 -0.31
CA ALA B 91 -18.79 0.16 -1.77
C ALA B 91 -18.51 -1.19 -2.42
N ASP B 92 -18.82 -1.27 -3.70
CA ASP B 92 -18.76 -2.52 -4.45
C ASP B 92 -17.30 -2.99 -4.61
N LYS B 93 -17.10 -4.31 -4.55
CA LYS B 93 -15.72 -4.86 -4.49
C LYS B 93 -14.81 -4.38 -5.61
N VAL B 94 -15.34 -4.37 -6.82
CA VAL B 94 -14.56 -3.98 -7.99
C VAL B 94 -14.19 -2.49 -7.92
N VAL B 95 -15.14 -1.67 -7.45
CA VAL B 95 -14.89 -0.25 -7.31
C VAL B 95 -13.79 -0.01 -6.26
N GLN B 96 -13.89 -0.70 -5.14
CA GLN B 96 -12.85 -0.62 -4.10
C GLN B 96 -11.49 -1.01 -4.64
N LEU B 97 -11.41 -2.12 -5.37
CA LEU B 97 -10.16 -2.53 -5.99
C LEU B 97 -9.58 -1.49 -6.93
N LEU B 98 -10.43 -0.84 -7.72
CA LEU B 98 -9.96 0.22 -8.60
C LEU B 98 -9.42 1.41 -7.82
N MET B 99 -10.16 1.84 -6.81
CA MET B 99 -9.70 2.93 -5.96
C MET B 99 -8.35 2.65 -5.30
N ARG B 100 -8.10 1.41 -4.88
CA ARG B 100 -6.82 1.09 -4.27
C ARG B 100 -5.67 1.26 -5.23
N VAL B 101 -5.79 0.71 -6.44
CA VAL B 101 -4.66 0.77 -7.40
C VAL B 101 -4.47 2.17 -7.99
N LEU B 102 -5.55 2.92 -8.09
CA LEU B 102 -5.45 4.34 -8.44
C LEU B 102 -4.61 5.09 -7.40
N LEU B 103 -4.98 4.95 -6.13
CA LEU B 103 -4.26 5.61 -5.02
C LEU B 103 -2.81 5.15 -4.94
N LYS B 104 -2.59 3.84 -5.06
CA LYS B 104 -1.23 3.28 -5.12
C LYS B 104 -0.43 3.90 -6.27
N ARG B 105 -1.07 4.10 -7.41
CA ARG B 105 -0.42 4.73 -8.57
C ARG B 105 -0.09 6.19 -8.33
N LEU B 106 -1.01 6.92 -7.70
CA LEU B 106 -0.81 8.33 -7.40
C LEU B 106 0.32 8.57 -6.41
N ARG B 107 0.52 7.63 -5.48
CA ARG B 107 1.66 7.70 -4.57
C ARG B 107 3.00 7.49 -5.26
N ARG B 108 3.08 6.54 -6.19
CA ARG B 108 4.40 6.00 -6.63
C ARG B 108 5.42 7.03 -7.11
N GLN C 3 -18.18 -12.66 -15.94
CA GLN C 3 -17.67 -13.73 -16.83
C GLN C 3 -16.16 -13.94 -16.66
N SER C 4 -15.79 -15.22 -16.61
CA SER C 4 -14.44 -15.63 -16.20
C SER C 4 -13.74 -16.21 -17.40
N VAL C 5 -12.43 -16.40 -17.30
CA VAL C 5 -11.66 -17.12 -18.30
C VAL C 5 -10.52 -17.87 -17.61
N ASP C 6 -10.27 -19.11 -18.02
CA ASP C 6 -9.14 -19.89 -17.53
C ASP C 6 -7.96 -19.70 -18.47
N ILE C 7 -6.75 -19.70 -17.91
CA ILE C 7 -5.54 -19.52 -18.68
C ILE C 7 -4.52 -20.57 -18.23
N HIS C 8 -3.95 -21.27 -19.19
CA HIS C 8 -2.99 -22.34 -18.92
C HIS C 8 -1.71 -21.77 -18.37
N LYS C 9 -0.98 -22.59 -17.63
CA LYS C 9 0.36 -22.23 -17.19
C LYS C 9 1.21 -21.79 -18.38
N ASP C 10 2.05 -20.79 -18.16
CA ASP C 10 2.97 -20.20 -19.17
C ASP C 10 2.31 -19.47 -20.36
N GLN C 11 1.00 -19.27 -20.30
CA GLN C 11 0.31 -18.51 -21.34
C GLN C 11 0.52 -17.02 -21.15
N ILE C 12 0.87 -16.34 -22.23
CA ILE C 12 0.88 -14.89 -22.24
C ILE C 12 -0.57 -14.39 -22.29
N ILE C 13 -0.96 -13.65 -21.26
CA ILE C 13 -2.31 -13.13 -21.11
C ILE C 13 -2.44 -11.94 -22.06
N PHE C 14 -1.46 -11.06 -22.02
CA PHE C 14 -1.26 -10.05 -23.05
C PHE C 14 0.19 -9.57 -23.05
N SER C 15 0.56 -8.81 -24.07
CA SER C 15 1.93 -8.34 -24.27
C SER C 15 2.03 -6.83 -24.27
N GLU C 16 3.20 -6.34 -23.85
CA GLU C 16 3.58 -4.93 -23.95
C GLU C 16 3.35 -4.45 -25.38
N GLY C 17 2.57 -3.38 -25.53
CA GLY C 17 2.21 -2.83 -26.83
C GLY C 17 0.87 -3.25 -27.40
N ASP C 18 0.24 -4.27 -26.81
CA ASP C 18 -1.08 -4.73 -27.27
C ASP C 18 -2.18 -3.69 -27.04
N ALA C 19 -3.26 -3.80 -27.81
CA ALA C 19 -4.45 -2.96 -27.63
C ALA C 19 -5.11 -3.32 -26.32
N GLY C 20 -5.58 -2.31 -25.58
CA GLY C 20 -6.07 -2.51 -24.22
C GLY C 20 -7.53 -2.12 -24.06
N ASP C 21 -8.36 -3.12 -23.79
CA ASP C 21 -9.84 -2.92 -23.65
C ASP C 21 -10.42 -3.21 -22.26
N CYS C 22 -9.75 -4.02 -21.44
CA CYS C 22 -10.29 -4.44 -20.14
C CYS C 22 -9.19 -4.75 -19.13
N ALA C 23 -9.59 -4.85 -17.86
CA ALA C 23 -8.70 -5.28 -16.80
C ALA C 23 -9.09 -6.69 -16.39
N TYR C 24 -8.31 -7.29 -15.49
CA TYR C 24 -8.56 -8.66 -15.00
C TYR C 24 -8.33 -8.75 -13.51
N ILE C 25 -9.24 -9.43 -12.80
CA ILE C 25 -9.05 -9.78 -11.40
C ILE C 25 -8.69 -11.26 -11.33
N ILE C 26 -7.59 -11.58 -10.65
CA ILE C 26 -7.13 -12.95 -10.54
C ILE C 26 -8.01 -13.68 -9.54
N GLU C 27 -8.71 -14.70 -10.01
CA GLU C 27 -9.55 -15.55 -9.15
C GLU C 27 -8.82 -16.77 -8.63
N LYS C 28 -7.89 -17.28 -9.43
CA LYS C 28 -7.04 -18.39 -9.00
C LYS C 28 -5.71 -18.27 -9.69
N GLY C 29 -4.65 -18.71 -9.03
CA GLY C 29 -3.31 -18.73 -9.62
C GLY C 29 -2.52 -17.46 -9.40
N ARG C 30 -1.34 -17.42 -10.02
CA ARG C 30 -0.45 -16.26 -9.98
C ARG C 30 -0.01 -15.89 -11.38
N VAL C 31 0.38 -14.62 -11.51
CA VAL C 31 0.76 -14.04 -12.79
C VAL C 31 2.04 -13.24 -12.66
N LEU C 32 2.87 -13.25 -13.72
CA LEU C 32 4.09 -12.46 -13.78
C LEU C 32 3.89 -11.24 -14.68
N ILE C 33 4.06 -10.04 -14.14
CA ILE C 33 4.13 -8.80 -14.95
C ILE C 33 5.61 -8.61 -15.28
N TYR C 34 5.92 -8.42 -16.57
CA TYR C 34 7.32 -8.24 -17.00
C TYR C 34 7.47 -7.41 -18.26
N LEU C 35 8.70 -6.95 -18.49
CA LEU C 35 9.09 -6.35 -19.78
C LEU C 35 10.11 -7.24 -20.44
N THR C 36 10.20 -7.11 -21.77
CA THR C 36 11.22 -7.80 -22.54
C THR C 36 12.10 -6.72 -23.17
N LYS C 37 13.42 -6.86 -22.97
CA LYS C 37 14.41 -5.94 -23.52
C LYS C 37 15.48 -6.77 -24.23
N ASP C 38 15.49 -6.74 -25.57
CA ASP C 38 16.49 -7.48 -26.37
C ASP C 38 16.61 -8.97 -26.02
N LYS C 39 15.49 -9.69 -26.14
CA LYS C 39 15.40 -11.13 -25.80
C LYS C 39 15.68 -11.48 -24.31
N GLU C 40 15.85 -10.45 -23.45
CA GLU C 40 16.05 -10.63 -22.02
C GLU C 40 14.78 -10.12 -21.34
N GLU C 41 14.22 -10.98 -20.49
CA GLU C 41 12.93 -10.74 -19.88
C GLU C 41 13.20 -10.23 -18.47
N ILE C 42 12.66 -9.05 -18.15
CA ILE C 42 12.94 -8.36 -16.90
C ILE C 42 11.66 -8.35 -16.05
N PRO C 43 11.67 -9.07 -14.90
CA PRO C 43 10.46 -9.16 -14.10
C PRO C 43 10.14 -7.85 -13.41
N LEU C 44 8.86 -7.60 -13.17
CA LEU C 44 8.44 -6.40 -12.45
C LEU C 44 7.74 -6.75 -11.15
N THR C 45 6.71 -7.59 -11.24
CA THR C 45 5.98 -8.01 -10.06
C THR C 45 5.27 -9.34 -10.32
N ILE C 46 4.85 -10.00 -9.25
CA ILE C 46 4.01 -11.18 -9.34
C ILE C 46 2.74 -10.87 -8.56
N LEU C 47 1.57 -11.06 -9.18
CA LEU C 47 0.27 -10.88 -8.52
C LEU C 47 -0.41 -12.21 -8.31
N GLY C 48 -1.24 -12.28 -7.28
CA GLY C 48 -2.01 -13.49 -6.96
C GLY C 48 -3.49 -13.25 -6.81
N GLU C 49 -4.15 -14.13 -6.08
CA GLU C 49 -5.61 -14.13 -5.94
C GLU C 49 -6.14 -12.82 -5.38
N GLY C 50 -7.20 -12.32 -6.02
CA GLY C 50 -7.88 -11.10 -5.63
C GLY C 50 -7.17 -9.82 -6.00
N GLU C 51 -6.17 -9.90 -6.87
CA GLU C 51 -5.48 -8.72 -7.34
C GLU C 51 -5.84 -8.43 -8.78
N ILE C 52 -5.69 -7.15 -9.15
CA ILE C 52 -6.15 -6.64 -10.44
C ILE C 52 -4.98 -6.11 -11.26
N PHE C 53 -5.04 -6.38 -12.56
CA PHE C 53 -4.08 -5.82 -13.49
C PHE C 53 -4.75 -5.39 -14.79
N GLY C 54 -4.00 -4.64 -15.59
CA GLY C 54 -4.47 -4.15 -16.88
C GLY C 54 -5.44 -2.99 -16.78
N GLU C 55 -5.35 -2.25 -15.68
CA GLU C 55 -6.39 -1.30 -15.33
C GLU C 55 -6.20 0.05 -16.00
N MET C 56 -4.97 0.42 -16.36
CA MET C 56 -4.74 1.61 -17.18
C MET C 56 -5.38 1.53 -18.56
N ALA C 57 -5.40 0.35 -19.16
CA ALA C 57 -6.16 0.09 -20.37
C ALA C 57 -7.63 0.43 -20.21
N LEU C 58 -8.16 0.17 -19.02
CA LEU C 58 -9.57 0.36 -18.72
C LEU C 58 -9.92 1.83 -18.57
N ILE C 59 -9.22 2.55 -17.69
CA ILE C 59 -9.52 3.97 -17.45
C ILE C 59 -9.07 4.86 -18.62
N ASP C 60 -7.90 4.62 -19.19
CA ASP C 60 -7.26 5.54 -20.14
C ASP C 60 -7.34 5.07 -21.59
N ASN C 61 -7.71 3.80 -21.81
CA ASN C 61 -7.97 3.29 -23.15
C ASN C 61 -6.76 3.36 -24.10
N GLN C 62 -5.61 2.82 -23.66
CA GLN C 62 -4.39 2.85 -24.48
C GLN C 62 -3.60 1.55 -24.33
N ASN C 63 -2.41 1.51 -24.93
CA ASN C 63 -1.72 0.21 -25.06
C ASN C 63 -1.11 -0.32 -23.76
N ARG C 64 -0.84 -1.61 -23.79
CA ARG C 64 -0.34 -2.32 -22.63
C ARG C 64 1.09 -1.88 -22.38
N SER C 65 1.35 -1.43 -21.16
CA SER C 65 2.67 -0.95 -20.74
C SER C 65 3.65 -2.10 -20.41
N ALA C 66 3.13 -3.29 -20.13
CA ALA C 66 3.95 -4.45 -19.79
C ALA C 66 3.30 -5.70 -20.32
N SER C 67 4.08 -6.79 -20.32
CA SER C 67 3.57 -8.10 -20.67
C SER C 67 3.17 -8.82 -19.40
N VAL C 68 2.26 -9.78 -19.55
CA VAL C 68 1.76 -10.58 -18.43
C VAL C 68 1.66 -12.04 -18.84
N ARG C 69 2.24 -12.92 -18.02
CA ARG C 69 2.19 -14.37 -18.26
C ARG C 69 1.66 -15.08 -17.03
N ALA C 70 1.06 -16.24 -17.23
CA ALA C 70 0.58 -17.06 -16.13
C ALA C 70 1.72 -17.94 -15.64
N LEU C 71 1.99 -17.90 -14.34
CA LEU C 71 3.03 -18.75 -13.73
C LEU C 71 2.53 -20.16 -13.43
N GLU C 72 1.21 -20.30 -13.30
CA GLU C 72 0.57 -21.61 -13.15
C GLU C 72 -0.81 -21.50 -13.82
N ASP C 73 -1.63 -22.55 -13.70
CA ASP C 73 -3.01 -22.44 -14.18
C ASP C 73 -3.70 -21.33 -13.39
N VAL C 74 -4.27 -20.36 -14.11
CA VAL C 74 -4.95 -19.21 -13.49
C VAL C 74 -6.38 -19.11 -14.00
N ARG C 75 -7.27 -18.57 -13.18
CA ARG C 75 -8.57 -18.09 -13.63
C ARG C 75 -8.62 -16.58 -13.41
N LEU C 76 -9.23 -15.88 -14.37
CA LEU C 76 -9.34 -14.44 -14.38
C LEU C 76 -10.81 -14.03 -14.50
N ALA C 77 -11.22 -13.09 -13.67
CA ALA C 77 -12.48 -12.38 -13.87
C ALA C 77 -12.20 -11.19 -14.78
N ILE C 78 -12.92 -11.10 -15.91
CA ILE C 78 -12.77 -9.96 -16.84
C ILE C 78 -13.55 -8.75 -16.34
N VAL C 79 -12.91 -7.58 -16.30
CA VAL C 79 -13.58 -6.33 -15.89
C VAL C 79 -13.53 -5.34 -17.06
N THR C 80 -14.74 -5.09 -17.62
CA THR C 80 -14.96 -4.29 -18.83
C THR C 80 -15.48 -2.89 -18.49
N LYS C 81 -15.20 -1.93 -19.37
CA LYS C 81 -15.68 -0.53 -19.25
C LYS C 81 -17.14 -0.40 -18.89
N GLN C 82 -17.97 -1.21 -19.51
CA GLN C 82 -19.42 -1.17 -19.30
C GLN C 82 -19.75 -1.50 -17.85
N GLN C 83 -19.07 -2.51 -17.30
CA GLN C 83 -19.21 -2.87 -15.87
C GLN C 83 -18.81 -1.72 -14.94
N VAL C 84 -17.69 -1.08 -15.24
CA VAL C 84 -17.15 0.00 -14.40
C VAL C 84 -18.09 1.20 -14.36
N LEU C 85 -18.53 1.65 -15.52
CA LEU C 85 -19.53 2.75 -15.60
C LEU C 85 -20.80 2.37 -14.88
N GLU C 86 -21.29 1.16 -15.12
CA GLU C 86 -22.50 0.67 -14.46
C GLU C 86 -22.35 0.69 -12.92
N ARG C 87 -21.23 0.17 -12.43
CA ARG C 87 -20.97 0.11 -10.99
C ARG C 87 -20.68 1.48 -10.35
N VAL C 88 -19.96 2.34 -11.05
CA VAL C 88 -19.70 3.69 -10.55
C VAL C 88 -20.98 4.52 -10.58
N SER C 89 -21.76 4.45 -11.65
CA SER C 89 -23.02 5.20 -11.74
C SER C 89 -24.03 4.79 -10.66
N THR C 90 -24.02 3.52 -10.27
CA THR C 90 -24.93 3.00 -9.27
C THR C 90 -24.40 3.15 -7.82
N ALA C 91 -23.16 3.62 -7.69
CA ALA C 91 -22.51 3.76 -6.39
C ALA C 91 -23.02 4.96 -5.63
N ASP C 92 -22.62 5.03 -4.37
CA ASP C 92 -22.90 6.15 -3.49
C ASP C 92 -22.27 7.43 -4.01
N LYS C 93 -22.97 8.56 -3.82
CA LYS C 93 -22.53 9.86 -4.35
C LYS C 93 -21.09 10.22 -4.00
N VAL C 94 -20.72 10.00 -2.75
CA VAL C 94 -19.37 10.33 -2.29
C VAL C 94 -18.33 9.45 -2.95
N VAL C 95 -18.65 8.18 -3.15
CA VAL C 95 -17.74 7.24 -3.82
C VAL C 95 -17.54 7.69 -5.26
N GLN C 96 -18.63 8.03 -5.95
CA GLN C 96 -18.55 8.55 -7.32
C GLN C 96 -17.65 9.79 -7.39
N LEU C 97 -17.86 10.72 -6.47
CA LEU C 97 -17.03 11.92 -6.39
C LEU C 97 -15.56 11.63 -6.17
N LEU C 98 -15.25 10.65 -5.32
CA LEU C 98 -13.86 10.25 -5.08
C LEU C 98 -13.24 9.67 -6.33
N MET C 99 -13.96 8.77 -7.00
CA MET C 99 -13.46 8.20 -8.24
C MET C 99 -13.13 9.28 -9.30
N ARG C 100 -13.96 10.32 -9.39
CA ARG C 100 -13.69 11.34 -10.36
C ARG C 100 -12.40 12.09 -10.09
N VAL C 101 -12.18 12.53 -8.85
CA VAL C 101 -11.00 13.33 -8.52
C VAL C 101 -9.72 12.51 -8.49
N LEU C 102 -9.83 11.23 -8.15
CA LEU C 102 -8.72 10.31 -8.31
C LEU C 102 -8.25 10.25 -9.76
N LEU C 103 -9.21 9.98 -10.67
CA LEU C 103 -8.90 9.88 -12.09
C LEU C 103 -8.37 11.20 -12.65
N LYS C 104 -9.01 12.30 -12.28
CA LYS C 104 -8.54 13.63 -12.68
C LYS C 104 -7.12 13.88 -12.19
N ARG C 105 -6.80 13.43 -10.98
CA ARG C 105 -5.45 13.59 -10.43
C ARG C 105 -4.42 12.73 -11.18
N LEU C 106 -4.80 11.50 -11.52
CA LEU C 106 -3.91 10.62 -12.24
C LEU C 106 -3.59 11.09 -13.66
N ARG C 107 -4.55 11.77 -14.29
CA ARG C 107 -4.29 12.38 -15.60
C ARG C 107 -3.32 13.55 -15.53
N ARG C 108 -3.47 14.40 -14.51
CA ARG C 108 -2.52 15.49 -14.27
C ARG C 108 -1.12 14.96 -13.90
N LYS C 109 -1.05 13.83 -13.20
CA LYS C 109 0.23 13.21 -12.85
C LYS C 109 0.97 12.76 -14.09
N ASN C 110 0.29 11.95 -14.90
CA ASN C 110 0.92 11.30 -16.04
C ASN C 110 1.23 12.20 -17.25
N ILE C 111 0.81 13.47 -17.18
CA ILE C 111 1.27 14.50 -18.12
C ILE C 111 1.81 15.72 -17.35
N ALA D 2 23.71 -21.09 -7.98
CA ALA D 2 24.04 -20.12 -6.92
C ALA D 2 25.35 -19.42 -7.27
N GLN D 3 25.25 -18.16 -7.69
CA GLN D 3 26.47 -17.32 -7.86
C GLN D 3 26.72 -16.52 -6.58
N SER D 4 27.99 -16.49 -6.16
CA SER D 4 28.46 -15.66 -5.07
C SER D 4 29.29 -14.53 -5.65
N VAL D 5 29.59 -13.52 -4.83
CA VAL D 5 30.53 -12.48 -5.20
C VAL D 5 31.29 -12.04 -3.96
N ASP D 6 32.60 -11.82 -4.10
CA ASP D 6 33.44 -11.30 -3.03
C ASP D 6 33.52 -9.79 -3.19
N ILE D 7 33.59 -9.09 -2.06
CA ILE D 7 33.67 -7.64 -2.06
C ILE D 7 34.77 -7.24 -1.08
N HIS D 8 35.68 -6.40 -1.56
CA HIS D 8 36.81 -5.95 -0.74
C HIS D 8 36.32 -5.08 0.40
N LYS D 9 37.11 -5.03 1.47
CA LYS D 9 36.85 -4.08 2.54
C LYS D 9 36.71 -2.66 1.98
N ASP D 10 35.79 -1.90 2.57
CA ASP D 10 35.49 -0.50 2.18
C ASP D 10 34.89 -0.27 0.78
N GLN D 11 34.53 -1.35 0.09
CA GLN D 11 33.88 -1.22 -1.22
C GLN D 11 32.41 -0.90 -1.05
N ILE D 12 31.94 0.09 -1.82
CA ILE D 12 30.52 0.35 -1.93
C ILE D 12 29.89 -0.74 -2.79
N ILE D 13 28.95 -1.47 -2.19
CA ILE D 13 28.25 -2.58 -2.85
C ILE D 13 27.24 -1.97 -3.80
N PHE D 14 26.47 -1.01 -3.29
CA PHE D 14 25.66 -0.13 -4.13
C PHE D 14 25.34 1.15 -3.36
N SER D 15 24.79 2.13 -4.07
CA SER D 15 24.52 3.46 -3.52
C SER D 15 23.04 3.82 -3.56
N GLU D 16 22.63 4.64 -2.61
CA GLU D 16 21.31 5.25 -2.57
C GLU D 16 21.04 5.92 -3.92
N GLY D 17 19.92 5.55 -4.55
CA GLY D 17 19.56 6.07 -5.88
C GLY D 17 19.91 5.18 -7.06
N ASP D 18 20.72 4.13 -6.85
CA ASP D 18 21.07 3.19 -7.91
C ASP D 18 19.87 2.36 -8.37
N ALA D 19 19.93 1.83 -9.58
CA ALA D 19 18.90 0.92 -10.09
C ALA D 19 19.03 -0.39 -9.32
N GLY D 20 17.90 -1.01 -9.00
CA GLY D 20 17.88 -2.21 -8.17
C GLY D 20 17.37 -3.46 -8.84
N ASP D 21 18.25 -4.43 -9.04
CA ASP D 21 17.95 -5.69 -9.77
C ASP D 21 17.97 -7.00 -8.96
N CYS D 22 18.64 -7.00 -7.81
CA CYS D 22 18.76 -8.20 -6.98
C CYS D 22 19.00 -7.85 -5.49
N ALA D 23 18.82 -8.84 -4.64
CA ALA D 23 19.13 -8.75 -3.22
C ALA D 23 20.40 -9.56 -2.97
N TYR D 24 20.92 -9.49 -1.74
CA TYR D 24 22.16 -10.19 -1.36
C TYR D 24 22.04 -10.78 0.03
N ILE D 25 22.47 -12.04 0.19
CA ILE D 25 22.61 -12.68 1.49
C ILE D 25 24.09 -12.70 1.85
N ILE D 26 24.43 -12.19 3.03
CA ILE D 26 25.81 -12.10 3.47
C ILE D 26 26.26 -13.50 3.89
N GLU D 27 27.26 -14.03 3.19
CA GLU D 27 27.85 -15.33 3.52
C GLU D 27 29.07 -15.20 4.43
N LYS D 28 29.81 -14.11 4.30
CA LYS D 28 30.94 -13.83 5.16
C LYS D 28 31.08 -12.34 5.29
N GLY D 29 31.52 -11.86 6.44
CA GLY D 29 31.79 -10.43 6.64
C GLY D 29 30.60 -9.67 7.19
N ARG D 30 30.79 -8.36 7.33
CA ARG D 30 29.76 -7.43 7.77
C ARG D 30 29.68 -6.25 6.81
N VAL D 31 28.50 -5.63 6.80
CA VAL D 31 28.19 -4.54 5.88
C VAL D 31 27.52 -3.39 6.64
N LEU D 32 27.81 -2.16 6.19
CA LEU D 32 27.18 -0.96 6.74
C LEU D 32 26.11 -0.45 5.79
N ILE D 33 24.85 -0.38 6.27
CA ILE D 33 23.78 0.32 5.55
C ILE D 33 23.81 1.76 6.03
N TYR D 34 23.86 2.72 5.11
CA TYR D 34 23.93 4.16 5.47
C TYR D 34 23.33 5.08 4.43
N LEU D 35 23.05 6.32 4.84
CA LEU D 35 22.72 7.41 3.94
C LEU D 35 23.83 8.45 3.98
N THR D 36 23.91 9.24 2.91
CA THR D 36 24.86 10.35 2.84
C THR D 36 24.02 11.61 2.69
N LYS D 37 24.29 12.60 3.54
CA LYS D 37 23.67 13.92 3.47
C LYS D 37 24.75 14.99 3.49
N ASP D 38 24.96 15.66 2.34
CA ASP D 38 25.97 16.73 2.19
C ASP D 38 27.37 16.32 2.67
N LYS D 39 27.92 15.28 2.05
CA LYS D 39 29.24 14.70 2.41
C LYS D 39 29.35 14.14 3.85
N GLU D 40 28.23 14.10 4.59
CA GLU D 40 28.19 13.57 5.95
C GLU D 40 27.38 12.28 5.90
N GLU D 41 27.98 11.22 6.41
CA GLU D 41 27.50 9.87 6.22
C GLU D 41 26.79 9.50 7.50
N ILE D 42 25.53 9.09 7.38
CA ILE D 42 24.69 8.80 8.55
C ILE D 42 24.40 7.29 8.58
N PRO D 43 24.92 6.59 9.60
CA PRO D 43 24.75 5.13 9.63
C PRO D 43 23.32 4.75 9.96
N LEU D 44 22.89 3.59 9.48
CA LEU D 44 21.56 3.08 9.79
C LEU D 44 21.64 1.76 10.55
N THR D 45 22.34 0.79 9.98
CA THR D 45 22.51 -0.50 10.64
C THR D 45 23.75 -1.20 10.11
N ILE D 46 24.19 -2.23 10.83
CA ILE D 46 25.24 -3.11 10.38
C ILE D 46 24.65 -4.51 10.32
N LEU D 47 24.81 -5.18 9.17
CA LEU D 47 24.33 -6.56 9.00
C LEU D 47 25.51 -7.50 8.88
N GLY D 48 25.33 -8.74 9.32
CA GLY D 48 26.37 -9.76 9.27
C GLY D 48 25.94 -11.05 8.58
N GLU D 49 26.63 -12.14 8.90
CA GLU D 49 26.42 -13.42 8.24
C GLU D 49 24.99 -13.92 8.34
N GLY D 50 24.49 -14.39 7.20
CA GLY D 50 23.14 -14.94 7.08
C GLY D 50 22.03 -13.92 7.05
N GLU D 51 22.36 -12.64 6.85
CA GLU D 51 21.35 -11.61 6.73
C GLU D 51 21.22 -11.12 5.30
N ILE D 52 20.07 -10.55 4.98
CA ILE D 52 19.72 -10.17 3.61
C ILE D 52 19.46 -8.66 3.50
N PHE D 53 19.92 -8.10 2.40
CA PHE D 53 19.65 -6.70 2.08
C PHE D 53 19.36 -6.52 0.59
N GLY D 54 18.86 -5.34 0.26
CA GLY D 54 18.60 -4.98 -1.13
C GLY D 54 17.32 -5.58 -1.66
N GLU D 55 16.39 -5.87 -0.76
CA GLU D 55 15.07 -6.34 -1.13
C GLU D 55 14.14 -5.20 -1.61
N MET D 56 14.33 -3.99 -1.09
CA MET D 56 13.25 -2.99 -1.22
C MET D 56 13.02 -2.52 -2.65
N ALA D 57 14.14 -2.36 -3.38
CA ALA D 57 14.08 -2.09 -4.80
C ALA D 57 13.29 -3.14 -5.57
N LEU D 58 13.39 -4.38 -5.11
CA LEU D 58 12.76 -5.52 -5.75
C LEU D 58 11.26 -5.56 -5.53
N ILE D 59 10.84 -5.56 -4.26
CA ILE D 59 9.42 -5.73 -3.94
C ILE D 59 8.65 -4.44 -4.19
N ASP D 60 9.22 -3.27 -3.88
CA ASP D 60 8.53 -2.00 -4.17
C ASP D 60 8.81 -1.44 -5.57
N ASN D 61 9.80 -2.02 -6.26
CA ASN D 61 10.03 -1.71 -7.67
C ASN D 61 10.42 -0.24 -7.93
N GLN D 62 11.41 0.22 -7.20
CA GLN D 62 12.09 1.51 -7.44
C GLN D 62 13.57 1.40 -7.03
N ASN D 63 14.29 2.51 -6.92
CA ASN D 63 15.74 2.53 -6.70
C ASN D 63 16.16 2.14 -5.29
N ARG D 64 17.47 2.10 -5.08
CA ARG D 64 18.06 1.78 -3.79
C ARG D 64 17.78 2.92 -2.83
N SER D 65 17.18 2.57 -1.69
CA SER D 65 16.81 3.55 -0.67
C SER D 65 17.98 3.98 0.22
N ALA D 66 19.04 3.17 0.26
CA ALA D 66 20.22 3.45 1.07
C ALA D 66 21.46 2.97 0.36
N SER D 67 22.61 3.43 0.85
CA SER D 67 23.91 2.96 0.37
C SER D 67 24.36 1.82 1.27
N VAL D 68 25.21 0.96 0.70
CA VAL D 68 25.76 -0.17 1.43
C VAL D 68 27.25 -0.31 1.14
N ARG D 69 28.06 -0.41 2.20
CA ARG D 69 29.51 -0.58 2.08
C ARG D 69 29.96 -1.79 2.87
N ALA D 70 31.07 -2.39 2.46
CA ALA D 70 31.65 -3.51 3.19
C ALA D 70 32.56 -2.96 4.28
N LEU D 71 32.34 -3.39 5.52
CA LEU D 71 33.22 -3.00 6.64
C LEU D 71 34.50 -3.84 6.72
N GLU D 72 34.47 -5.03 6.14
CA GLU D 72 35.62 -5.90 6.01
C GLU D 72 35.47 -6.69 4.70
N ASP D 73 36.38 -7.61 4.40
CA ASP D 73 36.17 -8.49 3.26
C ASP D 73 34.86 -9.27 3.47
N VAL D 74 33.96 -9.18 2.50
CA VAL D 74 32.65 -9.86 2.59
C VAL D 74 32.43 -10.74 1.37
N ARG D 75 31.70 -11.83 1.56
CA ARG D 75 31.16 -12.60 0.44
C ARG D 75 29.65 -12.53 0.50
N LEU D 76 29.03 -12.41 -0.68
CA LEU D 76 27.59 -12.22 -0.83
C LEU D 76 27.04 -13.25 -1.77
N ALA D 77 25.95 -13.91 -1.36
CA ALA D 77 25.16 -14.73 -2.26
C ALA D 77 24.15 -13.81 -2.96
N ILE D 78 24.16 -13.80 -4.30
CA ILE D 78 23.20 -13.00 -5.08
C ILE D 78 21.86 -13.72 -5.17
N VAL D 79 20.78 -12.98 -4.89
CA VAL D 79 19.42 -13.49 -5.03
C VAL D 79 18.69 -12.63 -6.06
N THR D 80 18.37 -13.17 -7.23
CA THR D 80 17.82 -12.33 -8.29
C THR D 80 16.39 -11.88 -7.96
N LYS D 81 16.00 -10.71 -8.46
CA LYS D 81 14.64 -10.16 -8.29
C LYS D 81 13.54 -11.18 -8.56
N GLN D 82 13.72 -11.95 -9.62
CA GLN D 82 12.74 -12.95 -10.05
C GLN D 82 12.54 -14.00 -8.95
N GLN D 83 13.64 -14.45 -8.35
CA GLN D 83 13.60 -15.39 -7.22
C GLN D 83 12.85 -14.83 -6.01
N VAL D 84 13.10 -13.57 -5.66
CA VAL D 84 12.50 -12.95 -4.47
C VAL D 84 10.97 -12.85 -4.62
N LEU D 85 10.53 -12.32 -5.77
CA LEU D 85 9.11 -12.22 -6.08
C LEU D 85 8.47 -13.61 -6.09
N GLU D 86 9.13 -14.54 -6.76
CA GLU D 86 8.65 -15.91 -6.85
C GLU D 86 8.48 -16.54 -5.45
N ARG D 87 9.49 -16.38 -4.60
CA ARG D 87 9.45 -16.96 -3.25
C ARG D 87 8.47 -16.28 -2.30
N VAL D 88 8.36 -14.94 -2.40
CA VAL D 88 7.38 -14.24 -1.58
C VAL D 88 5.94 -14.56 -2.05
N SER D 89 5.72 -14.54 -3.37
CA SER D 89 4.39 -14.86 -3.92
C SER D 89 3.92 -16.27 -3.60
N THR D 90 4.85 -17.20 -3.49
CA THR D 90 4.53 -18.61 -3.22
C THR D 90 4.48 -18.93 -1.73
N ALA D 91 4.82 -17.95 -0.89
CA ALA D 91 4.81 -18.10 0.56
C ALA D 91 3.39 -18.20 1.15
N ASP D 92 3.34 -18.58 2.41
CA ASP D 92 2.09 -18.87 3.10
C ASP D 92 1.27 -17.59 3.30
N LYS D 93 -0.05 -17.71 3.20
CA LYS D 93 -0.93 -16.51 3.15
C LYS D 93 -0.73 -15.59 4.34
N VAL D 94 -0.63 -16.18 5.53
CA VAL D 94 -0.48 -15.38 6.75
C VAL D 94 0.87 -14.66 6.79
N VAL D 95 1.90 -15.34 6.31
CA VAL D 95 3.24 -14.76 6.25
C VAL D 95 3.23 -13.57 5.28
N GLN D 96 2.63 -13.75 4.11
CA GLN D 96 2.48 -12.66 3.15
C GLN D 96 1.75 -11.47 3.74
N LEU D 97 0.64 -11.72 4.43
CA LEU D 97 -0.10 -10.67 5.10
C LEU D 97 0.73 -9.91 6.13
N LEU D 98 1.55 -10.62 6.90
CA LEU D 98 2.45 -9.97 7.85
C LEU D 98 3.49 -9.10 7.17
N MET D 99 4.11 -9.64 6.13
CA MET D 99 5.07 -8.86 5.35
C MET D 99 4.47 -7.58 4.76
N ARG D 100 3.23 -7.62 4.31
CA ARG D 100 2.58 -6.42 3.77
C ARG D 100 2.44 -5.34 4.82
N VAL D 101 1.93 -5.67 5.99
CA VAL D 101 1.70 -4.64 7.03
C VAL D 101 2.99 -4.14 7.66
N LEU D 102 3.99 -4.99 7.73
CA LEU D 102 5.33 -4.56 8.09
C LEU D 102 5.85 -3.49 7.13
N LEU D 103 5.81 -3.80 5.83
CA LEU D 103 6.27 -2.87 4.79
C LEU D 103 5.45 -1.57 4.79
N LYS D 104 4.14 -1.70 4.90
CA LYS D 104 3.25 -0.53 5.02
C LYS D 104 3.64 0.33 6.24
N ARG D 105 3.98 -0.33 7.35
CA ARG D 105 4.43 0.39 8.55
C ARG D 105 5.76 1.10 8.36
N LEU D 106 6.70 0.42 7.69
CA LEU D 106 8.02 0.99 7.43
C LEU D 106 7.97 2.19 6.49
N ARG D 107 7.02 2.22 5.57
CA ARG D 107 6.82 3.40 4.73
C ARG D 107 6.28 4.59 5.50
N ARG D 108 5.33 4.39 6.42
CA ARG D 108 4.56 5.51 7.01
C ARG D 108 5.41 6.65 7.61
#